data_7GA3
#
_entry.id   7GA3
#
_cell.length_a   53.613
_cell.length_b   69.968
_cell.length_c   57.678
_cell.angle_alpha   90.000
_cell.angle_beta   92.530
_cell.angle_gamma   90.000
#
_symmetry.space_group_name_H-M   'P 1 21 1'
#
loop_
_entity.id
_entity.type
_entity.pdbx_description
1 polymer 'Serine protease NS3'
2 non-polymer 1,2-ETHANEDIOL
3 non-polymer 'PHOSPHATE ION'
4 non-polymer (4S)-2-METHYL-2,4-PENTANEDIOL
5 non-polymer 1,1-bis(oxidanylidene)thietan-3-ol
6 non-polymer 'DIMETHYL SULFOXIDE'
7 water water
#
_entity_poly.entity_id   1
_entity_poly.type   'polypeptide(L)'
_entity_poly.pdbx_seq_one_letter_code
;MLKKKQLTVLDLHPGAGKTRRVLPEIVREAIKKRLRTVILAPTRVVAAEMEEALRGLPVRYMTTAVNVTHSGTEIVDLMC
HATFTSRLLQPIRVPNYNLNIMDEAHFTDPSSIAARGYISTRVEMGEAAAIFMTATPPGTRDAFPDSNSPIMDTEVEVPE
RAWSSGFDWVTDHSGKTVWFVPSVRNGNEIAACLTKAGKRVIQLSRKTFETEFQKTKNQEWDFVITTDISEMGANFKADR
VIDSRRCLKPVILDGERVILAGPMPVTHASAAQRRGRIGRNPNKPGDEYMYGGGCAETDEGHAHWLEARMLLDNIYLQDG
LIASLYRPEADKVAAIEGEFKLRTEQRKTFVELMKRGDLPVWLAYQVASAGITYTDRRWCFDGTTNNTIMEDSVPAEVWT
KYGEKRVLKPRWMDARVCSDHAALKSFKEFAAGKR
;
_entity_poly.pdbx_strand_id   A
#
loop_
_chem_comp.id
_chem_comp.type
_chem_comp.name
_chem_comp.formula
DMS non-polymer 'DIMETHYL SULFOXIDE' 'C2 H6 O S'
EDO non-polymer 1,2-ETHANEDIOL 'C2 H6 O2'
HV2 non-polymer 1,1-bis(oxidanylidene)thietan-3-ol 'C3 H6 O3 S'
MPD non-polymer (4S)-2-METHYL-2,4-PENTANEDIOL 'C6 H14 O2'
PO4 non-polymer 'PHOSPHATE ION' 'O4 P -3'
#
# COMPACT_ATOMS: atom_id res chain seq x y z
N MET A 1 6.53 22.83 -14.97
CA MET A 1 6.69 21.83 -13.91
C MET A 1 8.06 21.14 -13.97
N LEU A 2 8.56 20.94 -15.20
CA LEU A 2 9.78 20.18 -15.48
C LEU A 2 11.10 20.89 -15.14
N LYS A 3 11.03 22.16 -14.66
CA LYS A 3 12.22 22.90 -14.25
C LYS A 3 12.75 22.33 -12.94
N LYS A 4 14.07 22.22 -12.82
CA LYS A 4 14.72 21.72 -11.60
C LYS A 4 14.29 22.52 -10.34
N LYS A 5 14.59 22.01 -9.14
CA LYS A 5 14.24 22.63 -7.86
C LYS A 5 12.74 22.81 -7.65
N GLN A 6 11.88 22.10 -8.41
CA GLN A 6 10.43 22.25 -8.19
C GLN A 6 9.66 20.93 -8.01
N LEU A 7 8.78 20.92 -7.00
CA LEU A 7 7.89 19.82 -6.70
C LEU A 7 6.47 20.35 -6.96
N THR A 8 5.73 19.66 -7.81
CA THR A 8 4.39 20.05 -8.16
C THR A 8 3.41 18.99 -7.73
N VAL A 9 2.31 19.41 -7.11
CA VAL A 9 1.26 18.49 -6.71
C VAL A 9 0.12 18.61 -7.72
N LEU A 10 -0.11 17.58 -8.52
CA LEU A 10 -1.20 17.55 -9.51
C LEU A 10 -2.39 16.92 -8.80
N ASP A 11 -3.24 17.78 -8.22
CA ASP A 11 -4.37 17.39 -7.39
C ASP A 11 -5.75 17.40 -8.09
N LEU A 12 -5.82 16.98 -9.36
CA LEU A 12 -7.10 16.89 -10.05
C LEU A 12 -8.00 15.83 -9.37
N HIS A 13 -9.32 16.04 -9.38
CA HIS A 13 -10.30 15.13 -8.77
C HIS A 13 -10.25 13.70 -9.32
N PRO A 14 -10.71 12.67 -8.57
CA PRO A 14 -10.67 11.28 -9.11
C PRO A 14 -11.43 11.17 -10.43
N GLY A 15 -10.79 10.54 -11.40
CA GLY A 15 -11.37 10.38 -12.73
C GLY A 15 -11.15 11.56 -13.65
N ALA A 16 -10.33 12.57 -13.25
CA ALA A 16 -10.08 13.72 -14.12
C ALA A 16 -9.11 13.47 -15.28
N GLY A 17 -8.50 12.30 -15.33
CA GLY A 17 -7.58 11.96 -16.42
C GLY A 17 -6.11 12.15 -16.10
N LYS A 18 -5.73 12.11 -14.80
CA LYS A 18 -4.31 12.28 -14.43
C LYS A 18 -3.41 11.23 -15.09
N THR A 19 -3.81 9.95 -15.04
CA THR A 19 -3.02 8.86 -15.61
C THR A 19 -3.13 8.72 -17.13
N ARG A 20 -4.35 8.80 -17.71
CA ARG A 20 -4.53 8.61 -19.15
C ARG A 20 -4.32 9.83 -20.02
N ARG A 21 -4.43 11.05 -19.48
CA ARG A 21 -4.28 12.25 -20.29
C ARG A 21 -3.06 13.10 -19.91
N VAL A 22 -2.92 13.46 -18.63
CA VAL A 22 -1.81 14.31 -18.19
C VAL A 22 -0.45 13.59 -18.26
N LEU A 23 -0.35 12.39 -17.69
CA LEU A 23 0.90 11.61 -17.71
C LEU A 23 1.56 11.45 -19.13
N PRO A 24 0.84 11.11 -20.23
CA PRO A 24 1.52 10.98 -21.53
C PRO A 24 2.08 12.31 -22.04
N GLU A 25 1.36 13.41 -21.77
CA GLU A 25 1.81 14.76 -22.14
C GLU A 25 3.13 15.08 -21.41
N ILE A 26 3.19 14.86 -20.07
CA ILE A 26 4.40 15.10 -19.29
C ILE A 26 5.58 14.28 -19.82
N VAL A 27 5.33 13.01 -20.15
CA VAL A 27 6.35 12.09 -20.68
C VAL A 27 6.90 12.57 -22.02
N ARG A 28 6.02 13.05 -22.91
CA ARG A 28 6.42 13.58 -24.21
C ARG A 28 7.29 14.81 -24.01
N GLU A 29 6.91 15.68 -23.08
CA GLU A 29 7.70 16.88 -22.79
C GLU A 29 9.08 16.52 -22.21
N ALA A 30 9.14 15.53 -21.31
CA ALA A 30 10.37 15.07 -20.66
C ALA A 30 11.36 14.47 -21.65
N ILE A 31 10.85 13.65 -22.59
CA ILE A 31 11.65 13.04 -23.64
C ILE A 31 12.19 14.13 -24.60
N LYS A 32 11.38 15.13 -24.99
CA LYS A 32 11.80 16.25 -25.84
C LYS A 32 12.92 17.05 -25.17
N LYS A 33 12.90 17.17 -23.81
CA LYS A 33 13.92 17.92 -23.07
C LYS A 33 15.10 17.09 -22.59
N ARG A 34 15.17 15.81 -22.96
CA ARG A 34 16.19 14.87 -22.54
C ARG A 34 16.33 14.81 -21.02
N LEU A 35 15.20 14.68 -20.35
CA LEU A 35 15.19 14.55 -18.90
C LEU A 35 15.14 13.08 -18.59
N ARG A 36 16.14 12.57 -17.86
CA ARG A 36 16.16 11.19 -17.39
C ARG A 36 15.02 11.09 -16.34
N THR A 37 13.98 10.30 -16.65
CA THR A 37 12.75 10.29 -15.88
C THR A 37 12.33 8.96 -15.27
N VAL A 38 11.76 8.98 -14.05
CA VAL A 38 11.22 7.78 -13.46
C VAL A 38 9.72 8.01 -13.23
N ILE A 39 8.91 6.99 -13.60
CA ILE A 39 7.48 6.94 -13.38
C ILE A 39 7.22 5.84 -12.30
N LEU A 40 6.61 6.23 -11.20
CA LEU A 40 6.35 5.33 -10.08
C LEU A 40 4.86 4.94 -9.94
N ALA A 41 4.55 3.65 -10.14
CA ALA A 41 3.20 3.08 -10.04
C ALA A 41 2.97 2.41 -8.65
N PRO A 42 1.81 2.57 -8.00
CA PRO A 42 1.61 1.95 -6.68
C PRO A 42 1.58 0.42 -6.69
N THR A 43 0.99 -0.19 -7.75
CA THR A 43 0.79 -1.63 -7.89
C THR A 43 1.09 -2.07 -9.34
N ARG A 44 1.22 -3.39 -9.54
CA ARG A 44 1.46 -3.96 -10.85
CA ARG A 44 1.46 -3.96 -10.86
C ARG A 44 0.26 -3.75 -11.78
N VAL A 45 -0.96 -3.63 -11.23
CA VAL A 45 -2.19 -3.40 -11.98
C VAL A 45 -2.17 -2.00 -12.60
N VAL A 46 -1.75 -0.98 -11.84
CA VAL A 46 -1.65 0.39 -12.35
C VAL A 46 -0.52 0.49 -13.40
N ALA A 47 0.58 -0.26 -13.20
CA ALA A 47 1.69 -0.31 -14.14
C ALA A 47 1.21 -0.80 -15.53
N ALA A 48 0.29 -1.78 -15.55
CA ALA A 48 -0.29 -2.32 -16.78
C ALA A 48 -1.16 -1.27 -17.45
N GLU A 49 -1.92 -0.49 -16.68
CA GLU A 49 -2.77 0.58 -17.22
C GLU A 49 -1.95 1.74 -17.77
N MET A 50 -0.81 2.03 -17.13
CA MET A 50 0.11 3.06 -17.57
C MET A 50 0.73 2.68 -18.90
N GLU A 51 1.04 1.39 -19.10
CA GLU A 51 1.56 0.92 -20.38
C GLU A 51 0.54 1.17 -21.50
N GLU A 52 -0.77 0.99 -21.24
CA GLU A 52 -1.78 1.25 -22.27
C GLU A 52 -1.84 2.74 -22.64
N ALA A 53 -1.77 3.63 -21.63
CA ALA A 53 -1.79 5.09 -21.83
C ALA A 53 -0.51 5.61 -22.48
N LEU A 54 0.62 4.92 -22.26
CA LEU A 54 1.91 5.32 -22.81
C LEU A 54 2.34 4.50 -24.02
N ARG A 55 1.45 3.63 -24.56
CA ARG A 55 1.74 2.76 -25.69
C ARG A 55 2.34 3.49 -26.87
N GLY A 56 3.48 2.99 -27.34
CA GLY A 56 4.22 3.59 -28.45
C GLY A 56 5.41 4.43 -28.02
N LEU A 57 5.25 5.18 -26.91
CA LEU A 57 6.29 6.03 -26.33
C LEU A 57 7.46 5.17 -25.85
N PRO A 58 8.71 5.66 -25.95
CA PRO A 58 9.85 4.85 -25.49
C PRO A 58 9.99 4.84 -23.96
N VAL A 59 9.37 3.85 -23.31
CA VAL A 59 9.44 3.70 -21.87
C VAL A 59 9.97 2.32 -21.51
N ARG A 60 10.92 2.25 -20.57
CA ARG A 60 11.50 1.00 -20.12
C ARG A 60 10.76 0.54 -18.86
N TYR A 61 9.99 -0.53 -18.99
CA TYR A 61 9.18 -1.12 -17.94
C TYR A 61 9.97 -2.09 -17.07
N MET A 62 10.33 -1.63 -15.87
CA MET A 62 11.07 -2.40 -14.89
C MET A 62 10.10 -3.12 -13.95
N THR A 63 9.22 -3.94 -14.55
CA THR A 63 8.19 -4.75 -13.90
C THR A 63 7.83 -5.95 -14.80
N THR A 64 7.50 -7.10 -14.19
CA THR A 64 7.07 -8.27 -14.99
C THR A 64 5.55 -8.24 -15.29
N ALA A 65 4.83 -7.19 -14.87
CA ALA A 65 3.41 -7.04 -15.17
C ALA A 65 3.17 -6.61 -16.63
N VAL A 66 4.25 -6.21 -17.35
CA VAL A 66 4.23 -5.76 -18.72
C VAL A 66 5.20 -6.65 -19.53
N ASN A 67 4.73 -7.23 -20.64
CA ASN A 67 5.55 -8.10 -21.48
C ASN A 67 5.99 -7.30 -22.71
N VAL A 68 6.94 -6.36 -22.55
CA VAL A 68 7.41 -5.58 -23.69
C VAL A 68 8.91 -5.69 -23.90
N THR A 69 9.31 -5.81 -25.16
CA THR A 69 10.71 -5.91 -25.56
C THR A 69 11.34 -4.49 -25.53
N HIS A 70 12.21 -4.22 -24.55
CA HIS A 70 12.87 -2.91 -24.45
C HIS A 70 14.03 -2.75 -25.44
N SER A 71 13.97 -1.67 -26.26
CA SER A 71 14.92 -1.32 -27.32
C SER A 71 16.32 -0.90 -26.84
N GLY A 72 16.44 -0.43 -25.61
CA GLY A 72 17.71 0.03 -25.08
C GLY A 72 17.98 1.52 -25.24
N THR A 73 17.09 2.25 -25.93
CA THR A 73 17.25 3.69 -26.12
C THR A 73 16.25 4.52 -25.25
N GLU A 74 15.62 3.91 -24.25
CA GLU A 74 14.67 4.62 -23.40
C GLU A 74 15.39 5.45 -22.35
N ILE A 75 15.00 6.72 -22.18
CA ILE A 75 15.48 7.55 -21.06
C ILE A 75 14.39 7.69 -19.95
N VAL A 76 13.24 7.00 -20.11
CA VAL A 76 12.17 7.00 -19.13
C VAL A 76 11.99 5.58 -18.56
N ASP A 77 12.08 5.43 -17.22
CA ASP A 77 11.91 4.13 -16.55
C ASP A 77 10.60 4.10 -15.76
N LEU A 78 9.88 2.99 -15.83
CA LEU A 78 8.63 2.83 -15.11
C LEU A 78 8.76 1.64 -14.16
N MET A 79 8.47 1.87 -12.88
CA MET A 79 8.58 0.81 -11.87
C MET A 79 7.60 1.09 -10.69
N CYS A 80 7.36 0.09 -9.83
CA CYS A 80 6.50 0.28 -8.67
C CYS A 80 7.17 1.09 -7.56
N HIS A 81 6.37 1.76 -6.70
CA HIS A 81 6.90 2.53 -5.55
C HIS A 81 7.91 1.67 -4.71
N ALA A 82 7.52 0.42 -4.33
CA ALA A 82 8.33 -0.52 -3.55
C ALA A 82 9.65 -0.91 -4.26
N THR A 83 9.61 -1.11 -5.59
CA THR A 83 10.83 -1.42 -6.37
C THR A 83 11.83 -0.27 -6.30
N PHE A 84 11.37 0.99 -6.46
CA PHE A 84 12.22 2.17 -6.36
C PHE A 84 12.96 2.20 -5.00
N THR A 85 12.20 2.11 -3.88
CA THR A 85 12.76 2.08 -2.53
C THR A 85 13.69 0.85 -2.31
N SER A 86 13.33 -0.31 -2.87
CA SER A 86 14.11 -1.54 -2.75
C SER A 86 15.48 -1.39 -3.43
N ARG A 87 15.50 -0.85 -4.67
CA ARG A 87 16.75 -0.63 -5.41
C ARG A 87 17.60 0.44 -4.71
N LEU A 88 16.95 1.46 -4.07
CA LEU A 88 17.67 2.49 -3.31
C LEU A 88 18.42 1.82 -2.12
N LEU A 89 17.75 0.92 -1.39
CA LEU A 89 18.33 0.18 -0.26
C LEU A 89 19.46 -0.79 -0.65
N GLN A 90 19.30 -1.51 -1.77
CA GLN A 90 20.27 -2.50 -2.28
C GLN A 90 21.55 -1.87 -2.87
N PRO A 91 22.67 -2.62 -2.97
CA PRO A 91 23.89 -2.03 -3.54
C PRO A 91 23.77 -1.50 -4.98
N ILE A 92 22.75 -1.94 -5.75
CA ILE A 92 22.49 -1.46 -7.13
C ILE A 92 22.48 0.09 -7.20
N ARG A 93 23.16 0.65 -8.20
CA ARG A 93 23.22 2.10 -8.39
C ARG A 93 21.96 2.57 -9.11
N VAL A 94 21.18 3.44 -8.46
CA VAL A 94 19.95 3.97 -9.06
C VAL A 94 20.31 5.28 -9.72
N PRO A 95 19.89 5.52 -10.97
CA PRO A 95 20.22 6.80 -11.62
C PRO A 95 19.66 7.99 -10.82
N ASN A 96 20.32 9.15 -10.91
CA ASN A 96 19.84 10.34 -10.21
C ASN A 96 18.85 11.06 -11.14
N TYR A 97 17.63 10.51 -11.28
CA TYR A 97 16.59 11.04 -12.17
C TYR A 97 16.39 12.54 -12.07
N ASN A 98 16.39 13.23 -13.23
CA ASN A 98 16.14 14.68 -13.32
C ASN A 98 14.67 15.02 -13.03
N LEU A 99 13.76 14.09 -13.34
CA LEU A 99 12.32 14.22 -13.15
C LEU A 99 11.77 12.92 -12.50
N ASN A 100 11.04 13.07 -11.38
CA ASN A 100 10.47 11.95 -10.63
C ASN A 100 8.94 12.08 -10.62
N ILE A 101 8.22 11.18 -11.28
CA ILE A 101 6.76 11.25 -11.32
C ILE A 101 6.17 10.14 -10.47
N MET A 102 5.40 10.49 -9.44
CA MET A 102 4.76 9.48 -8.61
C MET A 102 3.27 9.48 -8.83
N ASP A 103 2.72 8.41 -9.43
CA ASP A 103 1.27 8.31 -9.55
C ASP A 103 0.72 7.72 -8.23
N GLU A 104 -0.53 8.13 -7.86
CA GLU A 104 -1.22 7.76 -6.62
C GLU A 104 -0.33 8.08 -5.44
N ALA A 105 0.20 9.30 -5.43
CA ALA A 105 1.15 9.74 -4.42
C ALA A 105 0.58 9.83 -3.00
N HIS A 106 -0.69 9.44 -2.79
CA HIS A 106 -1.28 9.41 -1.45
C HIS A 106 -1.00 8.06 -0.71
N PHE A 107 -0.47 7.03 -1.41
CA PHE A 107 -0.21 5.69 -0.88
C PHE A 107 0.58 5.74 0.44
N THR A 108 0.02 5.17 1.51
CA THR A 108 0.62 5.24 2.85
C THR A 108 1.45 3.99 3.25
N ASP A 109 1.79 3.08 2.32
CA ASP A 109 2.67 1.96 2.66
C ASP A 109 4.08 2.49 2.92
N PRO A 110 4.84 1.87 3.85
CA PRO A 110 6.16 2.41 4.21
C PRO A 110 7.10 2.76 3.06
N SER A 111 7.14 1.94 2.01
CA SER A 111 8.04 2.21 0.88
C SER A 111 7.60 3.42 0.02
N SER A 112 6.29 3.74 0.00
CA SER A 112 5.78 4.90 -0.73
C SER A 112 6.12 6.19 0.02
N ILE A 113 5.95 6.18 1.36
CA ILE A 113 6.30 7.31 2.23
C ILE A 113 7.81 7.56 2.11
N ALA A 114 8.65 6.47 2.16
CA ALA A 114 10.09 6.62 2.03
C ALA A 114 10.46 7.18 0.63
N ALA A 115 9.87 6.64 -0.45
CA ALA A 115 10.09 7.16 -1.80
C ALA A 115 9.77 8.70 -1.88
N ARG A 116 8.64 9.18 -1.25
CA ARG A 116 8.30 10.61 -1.24
C ARG A 116 9.31 11.44 -0.48
N GLY A 117 9.83 10.89 0.61
CA GLY A 117 10.82 11.61 1.41
C GLY A 117 12.14 11.80 0.68
N TYR A 118 12.63 10.72 0.06
CA TYR A 118 13.84 10.74 -0.75
C TYR A 118 13.72 11.73 -1.92
N ILE A 119 12.63 11.63 -2.70
CA ILE A 119 12.42 12.49 -3.86
C ILE A 119 12.31 13.96 -3.45
N SER A 120 11.47 14.27 -2.42
CA SER A 120 11.32 15.65 -1.97
C SER A 120 12.63 16.22 -1.41
N THR A 121 13.50 15.36 -0.83
CA THR A 121 14.78 15.82 -0.34
C THR A 121 15.69 16.22 -1.49
N ARG A 122 15.72 15.40 -2.56
CA ARG A 122 16.50 15.73 -3.74
C ARG A 122 16.02 17.03 -4.38
N VAL A 123 14.70 17.30 -4.38
CA VAL A 123 14.16 18.53 -4.94
C VAL A 123 14.59 19.72 -4.04
N GLU A 124 14.49 19.58 -2.72
CA GLU A 124 14.88 20.62 -1.77
C GLU A 124 16.37 20.95 -1.92
N MET A 125 17.22 19.94 -2.20
CA MET A 125 18.64 20.12 -2.47
C MET A 125 18.92 20.83 -3.83
N GLY A 126 17.90 20.95 -4.68
CA GLY A 126 18.04 21.55 -5.99
C GLY A 126 18.62 20.61 -7.04
N GLU A 127 18.55 19.30 -6.81
CA GLU A 127 19.13 18.33 -7.75
C GLU A 127 18.13 17.70 -8.71
N ALA A 128 16.82 17.87 -8.49
CA ALA A 128 15.81 17.22 -9.31
C ALA A 128 14.44 17.97 -9.30
N ALA A 129 13.52 17.60 -10.19
CA ALA A 129 12.13 18.06 -10.21
C ALA A 129 11.23 16.85 -9.89
N ALA A 130 10.03 17.11 -9.39
CA ALA A 130 9.10 16.04 -9.05
C ALA A 130 7.67 16.44 -9.26
N ILE A 131 6.85 15.47 -9.64
CA ILE A 131 5.45 15.66 -9.81
C ILE A 131 4.76 14.55 -8.98
N PHE A 132 3.90 14.91 -8.02
CA PHE A 132 3.16 13.96 -7.21
C PHE A 132 1.70 14.03 -7.71
N MET A 133 1.18 12.95 -8.25
CA MET A 133 -0.18 12.93 -8.76
C MET A 133 -1.13 12.21 -7.82
N THR A 134 -2.11 12.94 -7.28
CA THR A 134 -3.18 12.42 -6.44
C THR A 134 -4.31 13.41 -6.26
N ALA A 135 -5.53 12.92 -6.20
CA ALA A 135 -6.69 13.73 -5.86
C ALA A 135 -6.63 14.14 -4.36
N THR A 136 -5.97 13.33 -3.51
CA THR A 136 -5.94 13.54 -2.06
C THR A 136 -4.51 13.69 -1.51
N PRO A 137 -3.92 14.88 -1.63
CA PRO A 137 -2.56 15.10 -1.11
C PRO A 137 -2.50 14.99 0.42
N PRO A 138 -1.31 14.70 1.01
CA PRO A 138 -1.21 14.60 2.47
C PRO A 138 -1.68 15.90 3.14
N GLY A 139 -2.73 15.81 3.94
CA GLY A 139 -3.30 16.99 4.57
C GLY A 139 -4.71 17.34 4.11
N THR A 140 -5.31 16.52 3.24
CA THR A 140 -6.65 16.79 2.75
C THR A 140 -7.70 16.52 3.82
N ARG A 141 -8.61 17.46 3.98
CA ARG A 141 -9.71 17.32 4.94
C ARG A 141 -11.07 17.17 4.21
N ASP A 142 -11.06 16.97 2.88
CA ASP A 142 -12.28 16.87 2.09
C ASP A 142 -12.51 15.43 1.61
N ALA A 143 -13.49 14.77 2.21
CA ALA A 143 -13.83 13.40 1.86
C ALA A 143 -14.83 13.32 0.70
N PHE A 144 -15.42 14.45 0.26
CA PHE A 144 -16.38 14.47 -0.86
C PHE A 144 -15.91 15.38 -2.02
N PRO A 145 -14.78 15.08 -2.69
CA PRO A 145 -14.32 15.95 -3.78
C PRO A 145 -15.16 15.84 -5.07
N ASP A 146 -14.81 16.61 -6.10
CA ASP A 146 -15.54 16.58 -7.36
C ASP A 146 -15.48 15.20 -8.07
N SER A 147 -16.48 14.93 -8.92
CA SER A 147 -16.52 13.70 -9.70
C SER A 147 -16.99 13.99 -11.15
N ASN A 148 -16.83 13.01 -12.05
CA ASN A 148 -17.27 13.17 -13.45
C ASN A 148 -18.80 13.29 -13.56
N SER A 149 -19.54 12.64 -12.67
CA SER A 149 -21.00 12.75 -12.63
C SER A 149 -21.50 12.81 -11.17
N PRO A 150 -22.71 13.35 -10.92
CA PRO A 150 -23.19 13.44 -9.52
C PRO A 150 -23.30 12.10 -8.80
N ILE A 151 -22.95 12.09 -7.51
CA ILE A 151 -23.00 10.91 -6.66
C ILE A 151 -24.04 11.13 -5.55
N MET A 152 -24.86 10.11 -5.26
CA MET A 152 -25.78 10.19 -4.14
C MET A 152 -24.99 9.74 -2.89
N ASP A 153 -24.70 10.65 -1.95
CA ASP A 153 -23.98 10.32 -0.72
C ASP A 153 -24.98 10.08 0.41
N THR A 154 -25.01 8.86 1.02
CA THR A 154 -25.93 8.52 2.11
C THR A 154 -25.22 7.96 3.34
N GLU A 155 -25.38 8.63 4.50
CA GLU A 155 -24.83 8.13 5.75
C GLU A 155 -25.77 7.02 6.18
N VAL A 156 -25.26 5.79 6.38
CA VAL A 156 -26.10 4.65 6.75
C VAL A 156 -25.32 3.65 7.66
N GLU A 157 -26.02 2.86 8.50
CA GLU A 157 -25.35 1.83 9.30
C GLU A 157 -24.95 0.72 8.34
N VAL A 158 -23.67 0.37 8.31
CA VAL A 158 -23.16 -0.66 7.40
C VAL A 158 -22.76 -1.90 8.20
N PRO A 159 -23.23 -3.08 7.79
CA PRO A 159 -22.84 -4.30 8.52
C PRO A 159 -21.34 -4.60 8.46
N GLU A 160 -20.79 -5.03 9.58
CA GLU A 160 -19.40 -5.47 9.69
C GLU A 160 -19.30 -6.97 10.07
N ARG A 161 -20.43 -7.67 10.12
CA ARG A 161 -20.56 -9.08 10.44
C ARG A 161 -21.69 -9.63 9.54
N ALA A 162 -21.92 -10.96 9.54
CA ALA A 162 -23.06 -11.54 8.83
C ALA A 162 -24.36 -11.04 9.49
N TRP A 163 -25.46 -11.02 8.73
CA TRP A 163 -26.72 -10.54 9.26
C TRP A 163 -27.86 -11.40 8.80
N SER A 164 -28.91 -11.44 9.60
CA SER A 164 -30.11 -12.20 9.26
C SER A 164 -31.29 -11.28 8.92
N SER A 165 -31.19 -9.96 9.22
CA SER A 165 -32.23 -8.97 8.96
C SER A 165 -31.71 -7.53 9.24
N GLY A 166 -32.47 -6.54 8.82
CA GLY A 166 -32.13 -5.15 9.10
C GLY A 166 -31.32 -4.41 8.06
N PHE A 167 -30.88 -5.12 6.99
CA PHE A 167 -30.09 -4.46 5.93
C PHE A 167 -30.58 -4.81 4.52
N ASP A 168 -31.91 -4.76 4.30
CA ASP A 168 -32.52 -5.10 3.00
C ASP A 168 -31.93 -4.32 1.81
N TRP A 169 -31.51 -3.05 2.02
CA TRP A 169 -30.93 -2.19 0.98
C TRP A 169 -29.64 -2.77 0.37
N VAL A 170 -28.91 -3.57 1.13
CA VAL A 170 -27.67 -4.19 0.66
C VAL A 170 -27.93 -5.25 -0.41
N THR A 171 -28.89 -6.16 -0.17
CA THR A 171 -29.19 -7.23 -1.12
C THR A 171 -30.28 -6.83 -2.16
N ASP A 172 -31.14 -5.84 -1.85
CA ASP A 172 -32.16 -5.36 -2.80
C ASP A 172 -31.50 -4.30 -3.72
N HIS A 173 -30.60 -4.74 -4.57
CA HIS A 173 -29.89 -3.86 -5.48
C HIS A 173 -29.53 -4.70 -6.69
N SER A 174 -29.86 -4.23 -7.89
CA SER A 174 -29.59 -5.01 -9.09
C SER A 174 -28.28 -4.66 -9.82
N GLY A 175 -27.48 -3.76 -9.26
CA GLY A 175 -26.22 -3.37 -9.88
C GLY A 175 -25.02 -4.09 -9.33
N LYS A 176 -23.85 -3.51 -9.51
CA LYS A 176 -22.61 -4.10 -9.01
C LYS A 176 -22.07 -3.19 -7.90
N THR A 177 -21.71 -3.78 -6.76
CA THR A 177 -21.23 -3.05 -5.59
C THR A 177 -19.77 -3.30 -5.24
N VAL A 178 -19.04 -2.24 -4.86
CA VAL A 178 -17.68 -2.36 -4.37
C VAL A 178 -17.76 -2.03 -2.86
N TRP A 179 -17.41 -2.98 -1.99
CA TRP A 179 -17.54 -2.81 -0.55
C TRP A 179 -16.19 -2.85 0.11
N PHE A 180 -15.78 -1.74 0.75
CA PHE A 180 -14.53 -1.64 1.49
C PHE A 180 -14.71 -2.08 2.98
N VAL A 181 -14.00 -3.14 3.38
CA VAL A 181 -14.02 -3.68 4.74
C VAL A 181 -12.72 -3.35 5.47
N PRO A 182 -12.74 -3.34 6.82
CA PRO A 182 -11.52 -3.01 7.58
C PRO A 182 -10.39 -4.05 7.50
N SER A 183 -10.71 -5.32 7.22
CA SER A 183 -9.67 -6.37 7.19
C SER A 183 -10.10 -7.60 6.37
N VAL A 184 -9.13 -8.45 6.00
CA VAL A 184 -9.38 -9.68 5.26
C VAL A 184 -10.39 -10.58 6.00
N ARG A 185 -10.19 -10.79 7.32
CA ARG A 185 -11.05 -11.61 8.16
C ARG A 185 -12.49 -11.09 8.16
N ASN A 186 -12.67 -9.75 8.28
CA ASN A 186 -13.99 -9.13 8.23
CA ASN A 186 -13.98 -9.11 8.24
C ASN A 186 -14.63 -9.37 6.85
N GLY A 187 -13.84 -9.22 5.80
CA GLY A 187 -14.31 -9.44 4.44
C GLY A 187 -14.83 -10.86 4.22
N ASN A 188 -14.11 -11.89 4.77
CA ASN A 188 -14.52 -13.32 4.66
C ASN A 188 -15.94 -13.56 5.17
N GLU A 189 -16.28 -13.04 6.37
CA GLU A 189 -17.61 -13.19 6.98
C GLU A 189 -18.73 -12.56 6.14
N ILE A 190 -18.51 -11.34 5.64
CA ILE A 190 -19.50 -10.65 4.80
C ILE A 190 -19.64 -11.37 3.46
N ALA A 191 -18.52 -11.81 2.86
CA ALA A 191 -18.57 -12.54 1.58
C ALA A 191 -19.34 -13.84 1.75
N ALA A 192 -19.08 -14.60 2.83
CA ALA A 192 -19.83 -15.84 3.11
C ALA A 192 -21.34 -15.58 3.27
N CYS A 193 -21.70 -14.50 3.96
CA CYS A 193 -23.09 -14.08 4.15
C CYS A 193 -23.75 -13.78 2.81
N LEU A 194 -23.08 -12.96 1.96
CA LEU A 194 -23.56 -12.60 0.64
C LEU A 194 -23.63 -13.81 -0.31
N THR A 195 -22.65 -14.72 -0.23
CA THR A 195 -22.63 -15.91 -1.07
C THR A 195 -23.82 -16.82 -0.70
N LYS A 196 -24.08 -16.99 0.60
CA LYS A 196 -25.20 -17.79 1.10
C LYS A 196 -26.53 -17.24 0.59
N ALA A 197 -26.65 -15.91 0.42
CA ALA A 197 -27.89 -15.31 -0.11
C ALA A 197 -27.99 -15.34 -1.66
N GLY A 198 -26.98 -15.91 -2.34
CA GLY A 198 -26.98 -16.04 -3.79
C GLY A 198 -26.15 -15.05 -4.59
N LYS A 199 -25.30 -14.22 -3.92
CA LYS A 199 -24.51 -13.22 -4.66
C LYS A 199 -23.15 -13.77 -5.09
N ARG A 200 -22.65 -13.30 -6.25
CA ARG A 200 -21.34 -13.69 -6.77
C ARG A 200 -20.34 -12.70 -6.26
N VAL A 201 -19.44 -13.16 -5.40
CA VAL A 201 -18.51 -12.29 -4.71
C VAL A 201 -17.06 -12.56 -5.03
N ILE A 202 -16.29 -11.50 -5.26
CA ILE A 202 -14.85 -11.58 -5.47
C ILE A 202 -14.20 -10.83 -4.29
N GLN A 203 -13.13 -11.36 -3.69
CA GLN A 203 -12.46 -10.70 -2.58
C GLN A 203 -11.07 -10.24 -2.97
N LEU A 204 -10.71 -9.00 -2.61
CA LEU A 204 -9.40 -8.45 -2.93
C LEU A 204 -8.64 -8.08 -1.68
N SER A 205 -7.33 -8.34 -1.67
CA SER A 205 -6.43 -7.98 -0.56
C SER A 205 -5.02 -7.76 -1.10
N ARG A 206 -4.11 -7.14 -0.31
CA ARG A 206 -2.73 -6.88 -0.76
C ARG A 206 -2.03 -8.06 -1.42
N LYS A 207 -2.02 -9.24 -0.77
CA LYS A 207 -1.34 -10.40 -1.32
C LYS A 207 -2.02 -11.02 -2.53
N THR A 208 -3.36 -11.05 -2.57
CA THR A 208 -4.08 -11.67 -3.68
C THR A 208 -4.48 -10.72 -4.81
N PHE A 209 -4.11 -9.43 -4.71
CA PHE A 209 -4.54 -8.36 -5.60
C PHE A 209 -4.41 -8.61 -7.11
N GLU A 210 -3.22 -8.93 -7.65
CA GLU A 210 -3.06 -9.11 -9.10
C GLU A 210 -3.94 -10.22 -9.69
N THR A 211 -3.93 -11.41 -9.08
CA THR A 211 -4.68 -12.58 -9.53
C THR A 211 -6.20 -12.39 -9.48
N GLU A 212 -6.72 -11.93 -8.33
CA GLU A 212 -8.15 -11.76 -8.15
C GLU A 212 -8.74 -10.57 -8.89
N PHE A 213 -7.97 -9.48 -9.07
CA PHE A 213 -8.48 -8.31 -9.79
C PHE A 213 -8.90 -8.66 -11.22
N GLN A 214 -8.18 -9.60 -11.86
CA GLN A 214 -8.46 -10.06 -13.22
C GLN A 214 -9.88 -10.62 -13.34
N LYS A 215 -10.41 -11.24 -12.26
CA LYS A 215 -11.77 -11.78 -12.22
C LYS A 215 -12.85 -10.68 -12.33
N THR A 216 -12.52 -9.44 -11.94
CA THR A 216 -13.47 -8.34 -12.03
C THR A 216 -13.75 -7.95 -13.50
N LYS A 217 -12.86 -8.34 -14.44
CA LYS A 217 -12.96 -8.04 -15.87
C LYS A 217 -13.37 -9.23 -16.75
N ASN A 218 -13.15 -10.47 -16.28
CA ASN A 218 -13.44 -11.65 -17.10
C ASN A 218 -14.72 -12.40 -16.74
N GLN A 219 -15.49 -11.93 -15.75
CA GLN A 219 -16.73 -12.62 -15.36
C GLN A 219 -17.73 -11.70 -14.68
N GLU A 220 -19.01 -12.10 -14.66
CA GLU A 220 -20.03 -11.33 -13.98
C GLU A 220 -19.86 -11.51 -12.46
N TRP A 221 -20.12 -10.44 -11.74
CA TRP A 221 -20.06 -10.44 -10.29
C TRP A 221 -21.10 -9.45 -9.77
N ASP A 222 -21.51 -9.65 -8.53
CA ASP A 222 -22.47 -8.77 -7.87
C ASP A 222 -21.73 -7.90 -6.84
N PHE A 223 -20.73 -8.47 -6.14
CA PHE A 223 -19.99 -7.73 -5.13
C PHE A 223 -18.50 -7.98 -5.23
N VAL A 224 -17.74 -6.95 -4.89
CA VAL A 224 -16.30 -6.99 -4.74
C VAL A 224 -16.06 -6.55 -3.27
N ILE A 225 -15.52 -7.43 -2.44
CA ILE A 225 -15.21 -7.12 -1.05
C ILE A 225 -13.72 -6.85 -1.02
N THR A 226 -13.32 -5.65 -0.61
CA THR A 226 -11.91 -5.30 -0.64
C THR A 226 -11.43 -4.57 0.58
N THR A 227 -10.13 -4.69 0.85
CA THR A 227 -9.45 -3.94 1.88
C THR A 227 -9.05 -2.57 1.22
N ASP A 228 -8.37 -1.69 1.98
CA ASP A 228 -7.94 -0.37 1.54
C ASP A 228 -7.01 -0.37 0.31
N ILE A 229 -6.53 -1.54 -0.19
CA ILE A 229 -5.63 -1.56 -1.36
C ILE A 229 -6.32 -1.06 -2.62
N SER A 230 -7.66 -1.23 -2.73
CA SER A 230 -8.40 -0.76 -3.90
C SER A 230 -8.54 0.78 -3.96
N GLU A 231 -7.97 1.51 -2.99
CA GLU A 231 -7.90 2.97 -3.01
C GLU A 231 -6.79 3.47 -3.97
N MET A 232 -5.86 2.59 -4.37
CA MET A 232 -4.72 2.99 -5.17
C MET A 232 -4.91 2.79 -6.69
N GLY A 233 -5.90 3.45 -7.26
CA GLY A 233 -6.11 3.42 -8.72
C GLY A 233 -6.86 2.26 -9.31
N ALA A 234 -7.36 1.34 -8.48
CA ALA A 234 -8.13 0.19 -8.97
C ALA A 234 -9.45 0.71 -9.53
N ASN A 235 -9.82 0.34 -10.77
CA ASN A 235 -11.06 0.83 -11.35
C ASN A 235 -12.04 -0.29 -11.65
N PHE A 236 -13.31 -0.01 -11.43
CA PHE A 236 -14.41 -0.98 -11.55
C PHE A 236 -15.56 -0.40 -12.37
N LYS A 237 -16.39 -1.28 -12.94
CA LYS A 237 -17.55 -0.87 -13.72
C LYS A 237 -18.75 -1.07 -12.83
N ALA A 238 -18.76 -0.34 -11.71
CA ALA A 238 -19.79 -0.50 -10.69
C ALA A 238 -20.68 0.76 -10.55
N ASP A 239 -21.84 0.64 -9.89
CA ASP A 239 -22.71 1.79 -9.66
C ASP A 239 -22.92 2.12 -8.17
N ARG A 240 -22.25 1.39 -7.26
CA ARG A 240 -22.40 1.64 -5.84
C ARG A 240 -21.14 1.27 -5.04
N VAL A 241 -20.82 2.08 -4.04
CA VAL A 241 -19.76 1.79 -3.10
C VAL A 241 -20.38 1.72 -1.72
N ILE A 242 -20.11 0.65 -1.00
CA ILE A 242 -20.49 0.50 0.40
C ILE A 242 -19.16 0.69 1.14
N ASP A 243 -19.10 1.65 2.05
CA ASP A 243 -17.87 1.94 2.78
C ASP A 243 -18.10 1.89 4.29
N SER A 244 -17.48 0.91 4.98
CA SER A 244 -17.58 0.85 6.44
C SER A 244 -16.94 2.11 7.07
N ARG A 245 -16.04 2.81 6.33
CA ARG A 245 -15.30 3.98 6.82
C ARG A 245 -14.32 3.56 7.95
N ARG A 246 -13.92 2.26 8.00
CA ARG A 246 -13.04 1.74 9.05
C ARG A 246 -11.83 1.01 8.53
N CYS A 247 -10.77 1.01 9.33
CA CYS A 247 -9.49 0.40 8.95
C CYS A 247 -8.76 -0.13 10.20
N LEU A 248 -7.76 -0.98 9.99
CA LEU A 248 -6.90 -1.41 11.08
C LEU A 248 -5.66 -0.49 11.08
N LYS A 249 -5.11 -0.19 12.25
CA LYS A 249 -3.95 0.69 12.37
C LYS A 249 -2.81 -0.05 13.10
N PRO A 250 -1.64 -0.28 12.45
CA PRO A 250 -0.53 -0.90 13.16
C PRO A 250 0.04 0.11 14.16
N VAL A 251 0.20 -0.29 15.43
CA VAL A 251 0.68 0.59 16.48
C VAL A 251 1.83 -0.08 17.25
N ILE A 252 2.92 0.66 17.49
CA ILE A 252 4.04 0.16 18.25
C ILE A 252 3.80 0.55 19.72
N LEU A 253 3.70 -0.45 20.62
CA LEU A 253 3.48 -0.23 22.05
C LEU A 253 4.78 -0.36 22.82
N ASP A 254 5.13 0.66 23.61
CA ASP A 254 6.35 0.68 24.42
C ASP A 254 7.64 0.38 23.66
N GLY A 255 7.61 0.52 22.33
CA GLY A 255 8.73 0.23 21.44
C GLY A 255 9.14 -1.22 21.37
N GLU A 256 8.28 -2.15 21.85
CA GLU A 256 8.66 -3.57 21.90
C GLU A 256 7.71 -4.56 21.20
N ARG A 257 6.58 -4.09 20.67
CA ARG A 257 5.64 -4.96 19.98
C ARG A 257 4.74 -4.15 19.05
N VAL A 258 4.16 -4.81 18.02
CA VAL A 258 3.26 -4.12 17.10
C VAL A 258 1.91 -4.78 17.20
N ILE A 259 0.84 -4.01 17.44
CA ILE A 259 -0.50 -4.56 17.47
C ILE A 259 -1.32 -3.96 16.34
N LEU A 260 -2.37 -4.65 15.91
CA LEU A 260 -3.27 -4.11 14.88
C LEU A 260 -4.50 -3.52 15.58
N ALA A 261 -4.45 -2.23 15.96
CA ALA A 261 -5.50 -1.52 16.68
C ALA A 261 -6.71 -1.20 15.83
N GLY A 262 -7.86 -1.12 16.47
CA GLY A 262 -9.12 -0.81 15.81
C GLY A 262 -10.02 -2.02 15.61
N PRO A 263 -10.89 -2.07 14.59
CA PRO A 263 -11.09 -1.07 13.52
C PRO A 263 -11.39 0.35 14.02
N MET A 264 -10.83 1.33 13.32
CA MET A 264 -10.97 2.74 13.64
C MET A 264 -11.24 3.58 12.38
N PRO A 265 -11.67 4.86 12.52
CA PRO A 265 -11.99 5.64 11.33
C PRO A 265 -10.86 5.79 10.33
N VAL A 266 -11.23 5.81 9.05
CA VAL A 266 -10.27 6.05 7.98
C VAL A 266 -9.96 7.56 7.92
N THR A 267 -8.88 7.93 7.22
CA THR A 267 -8.59 9.36 6.98
C THR A 267 -9.55 9.87 5.88
N HIS A 268 -9.63 11.21 5.74
CA HIS A 268 -10.41 11.88 4.70
C HIS A 268 -9.88 11.47 3.33
N ALA A 269 -8.54 11.31 3.18
CA ALA A 269 -7.95 10.91 1.89
C ALA A 269 -8.47 9.53 1.47
N SER A 270 -8.50 8.57 2.41
CA SER A 270 -8.98 7.21 2.17
C SER A 270 -10.46 7.20 1.84
N ALA A 271 -11.29 7.94 2.59
CA ALA A 271 -12.73 8.00 2.32
C ALA A 271 -12.99 8.59 0.92
N ALA A 272 -12.28 9.66 0.55
CA ALA A 272 -12.44 10.27 -0.77
C ALA A 272 -11.98 9.30 -1.88
N GLN A 273 -10.89 8.54 -1.64
CA GLN A 273 -10.42 7.56 -2.63
C GLN A 273 -11.41 6.38 -2.81
N ARG A 274 -12.06 5.94 -1.71
CA ARG A 274 -13.06 4.85 -1.71
C ARG A 274 -14.32 5.30 -2.44
N ARG A 275 -14.79 6.51 -2.12
CA ARG A 275 -15.92 7.10 -2.84
C ARG A 275 -15.61 7.28 -4.33
N GLY A 276 -14.36 7.66 -4.63
CA GLY A 276 -13.86 7.93 -5.97
C GLY A 276 -13.92 6.78 -6.96
N ARG A 277 -14.24 5.53 -6.48
CA ARG A 277 -14.38 4.38 -7.40
C ARG A 277 -15.61 4.56 -8.30
N ILE A 278 -16.62 5.32 -7.86
CA ILE A 278 -17.85 5.53 -8.62
C ILE A 278 -18.03 7.03 -8.98
N GLY A 279 -19.05 7.36 -9.78
CA GLY A 279 -19.27 8.71 -10.28
C GLY A 279 -18.25 9.09 -11.35
N ARG A 280 -17.56 8.09 -11.95
CA ARG A 280 -16.50 8.29 -12.94
C ARG A 280 -17.00 8.39 -14.40
N ASN A 281 -18.24 8.00 -14.66
CA ASN A 281 -18.79 8.06 -16.02
C ASN A 281 -19.74 9.26 -16.10
N PRO A 282 -19.39 10.29 -16.90
CA PRO A 282 -20.30 11.45 -17.03
C PRO A 282 -21.68 11.10 -17.62
N ASN A 283 -21.77 9.97 -18.34
CA ASN A 283 -23.04 9.52 -18.91
C ASN A 283 -23.89 8.69 -17.95
N LYS A 284 -23.41 8.39 -16.73
CA LYS A 284 -24.19 7.61 -15.76
C LYS A 284 -24.24 8.29 -14.39
N PRO A 285 -25.11 9.30 -14.25
CA PRO A 285 -25.25 9.98 -12.95
C PRO A 285 -26.01 9.13 -11.94
N GLY A 286 -25.93 9.50 -10.68
CA GLY A 286 -26.66 8.80 -9.64
C GLY A 286 -26.01 7.54 -9.10
N ASP A 287 -24.67 7.37 -9.27
CA ASP A 287 -23.99 6.25 -8.60
C ASP A 287 -24.09 6.51 -7.07
N GLU A 288 -24.17 5.46 -6.28
CA GLU A 288 -24.38 5.61 -4.84
C GLU A 288 -23.15 5.39 -3.97
N TYR A 289 -23.03 6.15 -2.87
CA TYR A 289 -21.95 6.00 -1.90
C TYR A 289 -22.58 5.95 -0.51
N MET A 290 -22.60 4.75 0.08
CA MET A 290 -23.16 4.49 1.41
C MET A 290 -22.00 4.41 2.37
N TYR A 291 -21.94 5.28 3.37
CA TYR A 291 -20.84 5.32 4.30
C TYR A 291 -21.32 5.10 5.74
N GLY A 292 -20.57 4.32 6.50
CA GLY A 292 -20.94 3.87 7.85
C GLY A 292 -20.23 4.43 9.06
N GLY A 293 -19.69 5.63 8.94
CA GLY A 293 -18.98 6.29 10.02
C GLY A 293 -18.28 7.56 9.55
N GLY A 294 -17.68 8.29 10.47
CA GLY A 294 -16.97 9.51 10.12
C GLY A 294 -15.49 9.30 9.83
N CYS A 295 -14.77 10.38 9.56
CA CYS A 295 -13.33 10.34 9.27
C CYS A 295 -12.56 10.94 10.43
N ALA A 296 -11.30 10.53 10.57
CA ALA A 296 -10.41 11.08 11.58
C ALA A 296 -8.96 10.93 11.09
N GLU A 297 -8.02 11.70 11.67
CA GLU A 297 -6.64 11.62 11.23
CA GLU A 297 -6.60 11.69 11.33
C GLU A 297 -5.87 10.49 11.96
N THR A 298 -6.26 9.24 11.62
CA THR A 298 -5.65 8.05 12.21
C THR A 298 -4.28 7.69 11.63
N ASP A 299 -3.70 8.57 10.77
CA ASP A 299 -2.32 8.34 10.32
C ASP A 299 -1.29 8.91 11.31
N GLU A 300 -1.74 9.68 12.32
CA GLU A 300 -0.81 10.22 13.32
C GLU A 300 -0.51 9.06 14.27
N GLY A 301 0.77 8.74 14.43
CA GLY A 301 1.19 7.64 15.30
C GLY A 301 1.03 6.25 14.70
N HIS A 302 0.75 6.17 13.40
CA HIS A 302 0.57 4.92 12.68
C HIS A 302 2.02 4.37 12.43
N ALA A 303 2.27 3.07 12.67
CA ALA A 303 3.62 2.49 12.49
C ALA A 303 4.27 2.69 11.10
N HIS A 304 3.49 2.87 10.01
CA HIS A 304 4.08 3.05 8.68
C HIS A 304 5.00 4.26 8.58
N TRP A 305 4.73 5.35 9.32
CA TRP A 305 5.60 6.54 9.25
C TRP A 305 6.94 6.31 9.96
N LEU A 306 6.91 5.53 11.07
CA LEU A 306 8.10 5.14 11.82
C LEU A 306 8.92 4.19 10.91
N GLU A 307 8.25 3.22 10.28
CA GLU A 307 8.89 2.28 9.36
C GLU A 307 9.55 3.01 8.15
N ALA A 308 8.90 4.06 7.62
CA ALA A 308 9.48 4.85 6.54
C ALA A 308 10.78 5.53 7.00
N ARG A 309 10.83 6.03 8.26
CA ARG A 309 12.06 6.58 8.84
C ARG A 309 13.17 5.50 8.97
N MET A 310 12.82 4.24 9.26
CA MET A 310 13.81 3.16 9.32
C MET A 310 14.40 2.91 7.93
N LEU A 311 13.56 2.98 6.88
CA LEU A 311 14.04 2.78 5.50
C LEU A 311 14.98 3.94 5.06
N LEU A 312 14.53 5.20 5.25
CA LEU A 312 15.26 6.40 4.88
C LEU A 312 16.57 6.59 5.59
N ASP A 313 16.64 6.16 6.87
CA ASP A 313 17.91 6.18 7.60
C ASP A 313 18.95 5.24 7.03
N ASN A 314 18.53 4.23 6.24
CA ASN A 314 19.47 3.28 5.66
C ASN A 314 19.63 3.44 4.13
N ILE A 315 19.31 4.63 3.60
CA ILE A 315 19.50 4.92 2.19
C ILE A 315 20.56 5.99 2.05
N TYR A 316 21.60 5.72 1.24
CA TYR A 316 22.64 6.70 0.99
C TYR A 316 22.07 7.85 0.15
N LEU A 317 22.37 9.08 0.54
CA LEU A 317 21.93 10.26 -0.19
C LEU A 317 23.16 11.06 -0.60
N GLN A 318 24.01 11.42 0.38
CA GLN A 318 25.25 12.17 0.21
C GLN A 318 25.95 12.13 1.55
N ASP A 319 27.22 11.68 1.58
CA ASP A 319 28.06 11.49 2.77
C ASP A 319 27.24 11.02 4.04
N GLY A 320 27.05 11.87 5.05
CA GLY A 320 26.30 11.50 6.23
C GLY A 320 24.84 11.93 6.24
N LEU A 321 24.44 12.79 5.27
CA LEU A 321 23.09 13.32 5.15
C LEU A 321 22.02 12.24 5.04
N ILE A 322 20.86 12.52 5.62
CA ILE A 322 19.73 11.60 5.64
C ILE A 322 18.50 12.31 5.09
N ALA A 323 17.72 11.65 4.22
CA ALA A 323 16.51 12.25 3.66
C ALA A 323 15.44 12.40 4.73
N SER A 324 14.76 13.52 4.71
CA SER A 324 13.64 13.77 5.60
C SER A 324 12.37 13.26 4.95
N LEU A 325 11.29 13.07 5.74
CA LEU A 325 9.99 12.77 5.15
C LEU A 325 9.48 14.03 4.43
N TYR A 326 8.61 13.83 3.43
CA TYR A 326 7.93 14.87 2.65
C TYR A 326 7.19 15.75 3.67
N ARG A 327 7.55 17.04 3.71
CA ARG A 327 7.11 18.03 4.70
C ARG A 327 5.61 17.92 5.17
N PRO A 328 4.57 17.87 4.31
CA PRO A 328 3.19 17.77 4.83
C PRO A 328 2.86 16.47 5.58
N GLU A 329 3.74 15.44 5.53
CA GLU A 329 3.48 14.21 6.28
C GLU A 329 4.56 13.92 7.34
N ALA A 330 5.47 14.86 7.60
CA ALA A 330 6.57 14.70 8.55
C ALA A 330 6.19 14.71 10.05
N ASP A 331 5.06 15.33 10.43
CA ASP A 331 4.66 15.35 11.86
C ASP A 331 3.85 14.13 12.29
N LYS A 332 3.67 13.13 11.41
CA LYS A 332 2.92 11.93 11.76
C LYS A 332 3.69 10.98 12.68
N VAL A 333 5.02 11.17 12.83
CA VAL A 333 5.83 10.33 13.68
C VAL A 333 6.80 11.18 14.52
N ALA A 334 7.07 10.76 15.77
CA ALA A 334 8.03 11.46 16.61
C ALA A 334 9.34 10.70 16.41
N ALA A 335 10.25 11.21 15.57
CA ALA A 335 11.49 10.50 15.30
C ALA A 335 12.64 11.42 14.93
N ILE A 336 13.86 11.01 15.29
CA ILE A 336 15.10 11.73 15.04
C ILE A 336 15.73 11.15 13.76
N GLU A 337 15.98 11.99 12.73
CA GLU A 337 16.66 11.52 11.50
C GLU A 337 18.04 10.96 11.83
N GLY A 338 18.27 9.72 11.42
CA GLY A 338 19.49 8.97 11.68
C GLY A 338 19.44 7.99 12.85
N GLU A 339 18.36 8.00 13.68
CA GLU A 339 18.33 7.11 14.85
C GLU A 339 18.27 5.62 14.48
N PHE A 340 17.79 5.29 13.28
CA PHE A 340 17.71 3.88 12.83
C PHE A 340 18.83 3.49 11.85
N LYS A 341 19.88 4.30 11.76
CA LYS A 341 20.99 4.03 10.84
C LYS A 341 21.78 2.81 11.28
N LEU A 342 21.87 1.80 10.44
CA LEU A 342 22.57 0.57 10.78
C LEU A 342 23.96 0.49 10.13
N ARG A 343 24.87 -0.25 10.76
CA ARG A 343 26.20 -0.48 10.16
C ARG A 343 26.07 -1.49 8.98
N THR A 344 27.05 -1.51 8.07
CA THR A 344 27.01 -2.27 6.82
C THR A 344 26.43 -3.69 6.93
N GLU A 345 26.97 -4.54 7.81
CA GLU A 345 26.49 -5.92 7.90
C GLU A 345 25.06 -6.03 8.43
N GLN A 346 24.69 -5.24 9.43
CA GLN A 346 23.31 -5.27 9.95
C GLN A 346 22.32 -4.67 8.92
N ARG A 347 22.77 -3.71 8.11
CA ARG A 347 21.92 -3.11 7.08
C ARG A 347 21.60 -4.13 6.00
N LYS A 348 22.59 -4.94 5.61
CA LYS A 348 22.41 -5.99 4.62
C LYS A 348 21.43 -7.05 5.15
N THR A 349 21.51 -7.39 6.43
CA THR A 349 20.57 -8.33 7.05
C THR A 349 19.13 -7.71 7.02
N PHE A 350 19.02 -6.40 7.35
CA PHE A 350 17.74 -5.67 7.38
C PHE A 350 17.08 -5.74 6.00
N VAL A 351 17.84 -5.46 4.94
CA VAL A 351 17.34 -5.52 3.57
C VAL A 351 16.88 -6.94 3.19
N GLU A 352 17.71 -7.94 3.47
CA GLU A 352 17.35 -9.34 3.14
C GLU A 352 16.12 -9.86 3.92
N LEU A 353 15.97 -9.51 5.21
CA LEU A 353 14.77 -9.92 5.98
C LEU A 353 13.48 -9.33 5.32
N MET A 354 13.59 -8.17 4.67
CA MET A 354 12.45 -7.56 3.97
C MET A 354 12.29 -8.15 2.56
N LYS A 355 13.34 -8.16 1.75
CA LYS A 355 13.26 -8.61 0.36
C LYS A 355 12.99 -10.13 0.22
N ARG A 356 13.78 -10.94 0.90
CA ARG A 356 13.63 -12.39 0.86
C ARG A 356 12.71 -12.90 1.98
N GLY A 357 12.93 -12.44 3.21
CA GLY A 357 12.12 -12.91 4.34
C GLY A 357 10.66 -12.49 4.30
N ASP A 358 10.36 -11.38 3.59
CA ASP A 358 9.03 -10.77 3.48
C ASP A 358 8.50 -10.26 4.82
N LEU A 359 9.38 -9.97 5.78
CA LEU A 359 8.93 -9.49 7.10
C LEU A 359 8.52 -8.02 7.07
N PRO A 360 7.59 -7.61 7.97
CA PRO A 360 7.31 -6.16 8.08
C PRO A 360 8.61 -5.39 8.42
N VAL A 361 8.71 -4.13 7.98
CA VAL A 361 9.89 -3.30 8.22
C VAL A 361 10.30 -3.26 9.74
N TRP A 362 9.34 -2.94 10.63
CA TRP A 362 9.63 -2.86 12.08
C TRP A 362 10.27 -4.16 12.62
N LEU A 363 9.71 -5.34 12.24
CA LEU A 363 10.20 -6.64 12.71
C LEU A 363 11.60 -6.92 12.16
N ALA A 364 11.82 -6.66 10.85
CA ALA A 364 13.13 -6.83 10.19
C ALA A 364 14.20 -5.98 10.90
N TYR A 365 13.84 -4.73 11.28
CA TYR A 365 14.75 -3.83 12.01
C TYR A 365 15.12 -4.40 13.40
N GLN A 366 14.14 -4.92 14.16
CA GLN A 366 14.46 -5.51 15.49
C GLN A 366 15.48 -6.64 15.37
N VAL A 367 15.28 -7.55 14.41
CA VAL A 367 16.17 -8.68 14.23
C VAL A 367 17.59 -8.24 13.82
N ALA A 368 17.70 -7.43 12.76
CA ALA A 368 19.00 -6.93 12.25
C ALA A 368 19.75 -6.09 13.30
N SER A 369 19.04 -5.18 14.02
CA SER A 369 19.70 -4.34 15.04
C SER A 369 20.20 -5.18 16.23
N ALA A 370 19.60 -6.34 16.49
CA ALA A 370 20.05 -7.23 17.57
C ALA A 370 21.35 -8.02 17.18
N GLY A 371 21.85 -7.85 15.96
CA GLY A 371 23.06 -8.52 15.50
C GLY A 371 22.84 -9.94 15.01
N ILE A 372 21.59 -10.31 14.72
CA ILE A 372 21.24 -11.64 14.25
C ILE A 372 21.37 -11.71 12.73
N THR A 373 21.91 -12.82 12.20
CA THR A 373 22.06 -13.03 10.76
C THR A 373 20.75 -13.54 10.16
N TYR A 374 20.58 -13.34 8.85
CA TYR A 374 19.37 -13.67 8.12
C TYR A 374 18.84 -15.09 8.36
N THR A 375 19.71 -16.11 8.30
CA THR A 375 19.30 -17.52 8.42
C THR A 375 19.11 -18.03 9.86
N ASP A 376 19.52 -17.25 10.86
CA ASP A 376 19.38 -17.65 12.26
C ASP A 376 17.93 -17.38 12.73
N ARG A 377 17.13 -18.47 12.93
CA ARG A 377 15.72 -18.37 13.31
C ARG A 377 15.42 -18.72 14.79
N ARG A 378 16.47 -18.77 15.63
CA ARG A 378 16.32 -19.06 17.06
C ARG A 378 15.36 -18.06 17.73
N TRP A 379 15.41 -16.77 17.32
CA TRP A 379 14.51 -15.70 17.79
C TRP A 379 13.04 -16.00 17.59
N CYS A 380 12.67 -16.85 16.59
CA CYS A 380 11.24 -17.15 16.38
C CYS A 380 10.65 -18.03 17.52
N PHE A 381 11.48 -18.59 18.38
CA PHE A 381 11.02 -19.51 19.42
C PHE A 381 11.41 -19.16 20.84
N ASP A 382 12.22 -18.11 21.05
CA ASP A 382 12.69 -17.81 22.41
C ASP A 382 12.08 -16.56 23.06
N GLY A 383 10.90 -16.16 22.63
CA GLY A 383 10.22 -15.03 23.26
C GLY A 383 9.48 -15.43 24.53
N THR A 384 8.88 -14.46 25.24
CA THR A 384 8.12 -14.78 26.46
C THR A 384 6.80 -15.47 26.10
N THR A 385 6.18 -16.16 27.06
CA THR A 385 4.95 -16.93 26.87
C THR A 385 3.80 -16.07 26.29
N ASN A 386 3.73 -14.77 26.66
CA ASN A 386 2.68 -13.90 26.13
C ASN A 386 2.86 -13.59 24.63
N ASN A 387 4.03 -13.93 24.04
CA ASN A 387 4.28 -13.78 22.60
C ASN A 387 3.90 -15.02 21.79
N THR A 388 3.30 -16.05 22.42
CA THR A 388 2.88 -17.27 21.76
C THR A 388 1.86 -16.95 20.68
N ILE A 389 2.14 -17.34 19.44
CA ILE A 389 1.19 -17.09 18.36
C ILE A 389 0.12 -18.20 18.40
N MET A 390 -1.15 -17.82 18.39
CA MET A 390 -2.25 -18.77 18.43
C MET A 390 -2.85 -19.07 17.06
N GLU A 391 -3.24 -20.32 16.83
CA GLU A 391 -3.88 -20.75 15.60
CA GLU A 391 -3.83 -20.80 15.59
C GLU A 391 -5.06 -21.63 15.97
N ASP A 392 -6.28 -21.19 15.58
CA ASP A 392 -7.53 -21.89 15.91
C ASP A 392 -7.67 -21.96 17.45
N SER A 393 -7.39 -20.83 18.13
CA SER A 393 -7.44 -20.71 19.58
C SER A 393 -6.54 -21.68 20.35
N VAL A 394 -5.46 -22.16 19.70
CA VAL A 394 -4.51 -23.10 20.31
C VAL A 394 -3.07 -22.76 19.83
N PRO A 395 -1.98 -22.92 20.64
CA PRO A 395 -0.64 -22.50 20.18
C PRO A 395 -0.17 -23.07 18.84
N ALA A 396 0.34 -22.20 17.96
CA ALA A 396 0.85 -22.62 16.65
C ALA A 396 2.18 -23.34 16.82
N GLU A 397 2.37 -24.44 16.08
CA GLU A 397 3.61 -25.23 16.18
C GLU A 397 4.28 -25.40 14.83
N VAL A 398 5.62 -25.45 14.80
CA VAL A 398 6.36 -25.71 13.57
C VAL A 398 7.53 -26.67 13.84
N TRP A 399 7.99 -27.35 12.78
CA TRP A 399 9.18 -28.15 12.89
C TRP A 399 10.31 -27.20 12.52
N THR A 400 11.22 -26.99 13.46
CA THR A 400 12.41 -26.19 13.22
C THR A 400 13.29 -26.84 12.12
N LYS A 401 14.22 -26.07 11.56
CA LYS A 401 15.20 -26.57 10.57
C LYS A 401 16.10 -27.69 11.20
N TYR A 402 16.06 -27.87 12.54
CA TYR A 402 16.76 -28.92 13.24
C TYR A 402 15.96 -30.24 13.37
N GLY A 403 14.67 -30.22 13.03
CA GLY A 403 13.80 -31.39 13.13
C GLY A 403 13.00 -31.47 14.41
N GLU A 404 13.06 -30.43 15.25
CA GLU A 404 12.35 -30.41 16.52
C GLU A 404 11.00 -29.69 16.38
N LYS A 405 9.93 -30.18 17.04
CA LYS A 405 8.63 -29.50 16.99
C LYS A 405 8.57 -28.47 18.11
N ARG A 406 8.42 -27.19 17.76
CA ARG A 406 8.37 -26.12 18.77
C ARG A 406 7.20 -25.17 18.59
N VAL A 407 6.73 -24.58 19.71
CA VAL A 407 5.66 -23.58 19.69
C VAL A 407 6.27 -22.27 19.17
N LEU A 408 5.58 -21.64 18.25
CA LEU A 408 5.98 -20.39 17.65
C LEU A 408 5.81 -19.28 18.71
N LYS A 409 6.92 -18.67 19.11
CA LYS A 409 6.89 -17.70 20.20
C LYS A 409 8.01 -16.69 19.95
N PRO A 410 7.77 -15.70 19.05
CA PRO A 410 8.87 -14.80 18.65
C PRO A 410 9.33 -13.85 19.73
N ARG A 411 10.64 -13.58 19.79
CA ARG A 411 11.26 -12.64 20.73
C ARG A 411 10.60 -11.23 20.58
N TRP A 412 10.30 -10.82 19.32
CA TRP A 412 9.57 -9.58 19.05
C TRP A 412 8.25 -9.96 18.40
N MET A 413 7.17 -9.49 18.95
CA MET A 413 5.84 -9.79 18.45
C MET A 413 5.25 -8.69 17.51
N ASP A 414 5.02 -9.04 16.24
CA ASP A 414 4.42 -8.12 15.28
C ASP A 414 3.16 -8.81 14.73
N ALA A 415 1.98 -8.31 15.15
CA ALA A 415 0.65 -8.80 14.77
C ALA A 415 0.44 -9.02 13.28
N ARG A 416 1.19 -8.31 12.43
CA ARG A 416 1.07 -8.46 10.98
C ARG A 416 1.54 -9.83 10.47
N VAL A 417 2.40 -10.54 11.23
CA VAL A 417 2.86 -11.86 10.78
C VAL A 417 1.79 -12.95 10.85
N CYS A 418 0.67 -12.69 11.55
CA CYS A 418 -0.43 -13.62 11.74
C CYS A 418 -1.79 -12.92 11.70
N SER A 419 -1.92 -11.83 10.91
CA SER A 419 -3.17 -11.06 10.75
C SER A 419 -4.30 -11.87 10.06
N ASP A 420 -3.94 -12.93 9.34
CA ASP A 420 -4.87 -13.84 8.67
C ASP A 420 -4.21 -15.21 8.45
N HIS A 421 -4.97 -16.20 7.95
CA HIS A 421 -4.43 -17.55 7.70
C HIS A 421 -3.20 -17.53 6.78
N ALA A 422 -3.28 -16.82 5.66
CA ALA A 422 -2.19 -16.71 4.70
C ALA A 422 -0.91 -16.13 5.34
N ALA A 423 -1.02 -15.01 6.09
CA ALA A 423 0.12 -14.41 6.77
C ALA A 423 0.76 -15.44 7.75
N LEU A 424 -0.03 -16.06 8.65
CA LEU A 424 0.52 -17.04 9.60
C LEU A 424 1.20 -18.23 8.90
N LYS A 425 0.60 -18.75 7.82
CA LYS A 425 1.19 -19.84 7.05
C LYS A 425 2.60 -19.45 6.53
N SER A 426 2.75 -18.21 5.99
CA SER A 426 4.03 -17.72 5.48
C SER A 426 5.03 -17.56 6.64
N PHE A 427 4.58 -17.03 7.79
CA PHE A 427 5.47 -16.85 8.94
C PHE A 427 5.97 -18.18 9.51
N LYS A 428 5.13 -19.24 9.49
CA LYS A 428 5.54 -20.58 9.91
C LYS A 428 6.68 -21.10 9.01
N GLU A 429 6.58 -20.90 7.68
CA GLU A 429 7.62 -21.27 6.72
C GLU A 429 8.92 -20.51 7.02
N PHE A 430 8.81 -19.21 7.36
CA PHE A 430 9.99 -18.42 7.72
C PHE A 430 10.67 -18.98 8.98
N ALA A 431 9.89 -19.17 10.06
CA ALA A 431 10.39 -19.73 11.33
C ALA A 431 11.04 -21.13 11.14
N ALA A 432 10.53 -21.91 10.15
CA ALA A 432 11.04 -23.24 9.82
C ALA A 432 12.34 -23.26 9.00
N GLY A 433 12.73 -22.10 8.47
CA GLY A 433 13.91 -21.96 7.62
C GLY A 433 13.65 -22.30 6.16
N LYS A 434 12.37 -22.23 5.72
CA LYS A 434 12.01 -22.58 4.35
C LYS A 434 12.27 -21.46 3.32
N ARG A 435 12.67 -20.27 3.76
CA ARG A 435 13.09 -19.20 2.83
C ARG A 435 14.10 -18.24 3.48
C1 EDO B . 1.07 -3.55 -2.88
O1 EDO B . 0.79 -3.20 -1.53
C2 EDO B . 0.28 -4.78 -3.26
O2 EDO B . 0.66 -5.19 -4.56
P PO4 C . -7.56 9.92 -12.79
O1 PO4 C . -6.24 9.20 -12.90
O2 PO4 C . -7.29 11.43 -12.61
O3 PO4 C . -8.37 9.42 -11.57
O4 PO4 C . -8.39 9.69 -14.08
P PO4 D . -1.87 -4.66 7.09
O1 PO4 D . -0.47 -4.28 7.51
O2 PO4 D . -2.33 -5.90 7.88
O3 PO4 D . -2.84 -3.50 7.38
O4 PO4 D . -1.90 -4.99 5.58
C1 MPD E . 10.20 -1.82 2.10
C2 MPD E . 10.60 -2.74 0.97
O2 MPD E . 9.90 -3.99 1.18
CM MPD E . 10.14 -2.19 -0.37
C3 MPD E . 12.12 -2.90 0.96
C4 MPD E . 12.76 -4.27 0.73
O4 MPD E . 11.99 -5.08 -0.17
C5 MPD E . 14.19 -4.14 0.24
C2 HV2 F . 3.56 -12.79 5.63
C3 HV2 F . 4.98 -12.23 5.49
C7 HV2 F . 3.58 -12.75 7.16
O1 HV2 F . 2.52 -12.09 4.96
S4 HV2 F . 5.39 -12.75 7.16
O5 HV2 F . 5.92 -11.71 8.00
O6 HV2 F . 5.99 -14.05 7.24
S DMS G . 14.61 -5.96 -7.59
O DMS G . 16.09 -5.73 -7.61
C1 DMS G . 13.89 -5.16 -9.05
C2 DMS G . 13.88 -4.80 -6.40
#